data_5BWL
#
_entry.id   5BWL
#
_cell.length_a   42.420
_cell.length_b   55.536
_cell.length_c   124.680
_cell.angle_alpha   90.00
_cell.angle_beta   90.00
_cell.angle_gamma   90.00
#
_symmetry.space_group_name_H-M   'P 21 2 21'
#
loop_
_entity.id
_entity.type
_entity.pdbx_description
1 polymer 'NAD-dependent protein deacylase sirtuin-5, mitochondrial'
2 polymer 'Coumarin-labelled succinyl peptide'
3 non-polymer 'ZINC ION'
4 non-polymer 7-AMINO-4-METHYL-CHROMEN-2-ONE
5 water water
#
loop_
_entity_poly.entity_id
_entity_poly.type
_entity_poly.pdbx_seq_one_letter_code
_entity_poly.pdbx_strand_id
1 'polypeptide(L)'
;MGSSHHHHHHSSGLVPRGSHMARPSSSMADFRKFFAKAKHIVIISGAGVSAESGVPTFRGAGGYWRKWQAQDLATPLAFA
HNPSRVWEFYHYRREVMGSKEPNAGHRAIAECETRLGKQGRRVVVITQNIDELHRKAGTKNLLEIHGSLFKTRCTSCGVV
AENYKSPICPALSGKGAPEPGTQDASIPVEKLPRCEEAGCGGLLRPHVVWFGENLDPAILEEVDRELAHCDLCLVVGTSS
VVYPAAMFAPQVAARGVPVAEFNTETTPATNRFRFHFQGPCGTTLPEALA
;
A
2 'polypeptide(L)' LG(SLL) B
#
loop_
_chem_comp.id
_chem_comp.type
_chem_comp.name
_chem_comp.formula
MCM non-polymer 7-AMINO-4-METHYL-CHROMEN-2-ONE 'C10 H9 N O2'
ZN non-polymer 'ZINC ION' 'Zn 2'
#
# COMPACT_ATOMS: atom_id res chain seq x y z
N PRO A 24 26.37 0.10 4.73
CA PRO A 24 25.52 -0.96 4.15
C PRO A 24 26.09 -1.44 2.81
N SER A 25 26.13 -2.75 2.57
CA SER A 25 26.68 -3.26 1.31
C SER A 25 25.78 -2.89 0.13
N SER A 26 26.42 -2.56 -1.00
CA SER A 26 25.70 -2.40 -2.25
C SER A 26 26.18 -3.43 -3.26
N SER A 27 26.62 -4.58 -2.75
CA SER A 27 27.07 -5.68 -3.59
C SER A 27 25.88 -6.54 -4.02
N MET A 28 25.47 -6.41 -5.28
CA MET A 28 24.38 -7.24 -5.79
C MET A 28 24.75 -8.72 -5.75
N ALA A 29 25.99 -9.06 -6.08
CA ALA A 29 26.38 -10.46 -6.05
C ALA A 29 26.26 -11.03 -4.64
N ASP A 30 26.69 -10.29 -3.63
CA ASP A 30 26.54 -10.80 -2.27
C ASP A 30 25.06 -10.96 -1.92
N PHE A 31 24.25 -9.96 -2.26
CA PHE A 31 22.83 -10.08 -1.99
C PHE A 31 22.29 -11.34 -2.62
N ARG A 32 22.64 -11.56 -3.88
CA ARG A 32 22.12 -12.66 -4.65
C ARG A 32 22.49 -14.00 -4.01
N LYS A 33 23.61 -14.05 -3.28
CA LYS A 33 23.95 -15.29 -2.59
C LYS A 33 22.96 -15.58 -1.46
N PHE A 34 22.56 -14.54 -0.71
CA PHE A 34 21.54 -14.74 0.29
C PHE A 34 20.23 -15.09 -0.36
N PHE A 35 19.86 -14.38 -1.42
CA PHE A 35 18.58 -14.63 -2.08
C PHE A 35 18.46 -16.07 -2.59
N ALA A 36 19.54 -16.63 -3.14
CA ALA A 36 19.49 -18.00 -3.68
C ALA A 36 19.11 -19.01 -2.61
N LYS A 37 19.45 -18.73 -1.37
CA LYS A 37 19.31 -19.72 -0.32
C LYS A 37 18.10 -19.45 0.57
N ALA A 38 17.38 -18.36 0.32
CA ALA A 38 16.35 -17.92 1.21
C ALA A 38 15.07 -18.70 0.90
N LYS A 39 14.40 -19.15 1.95
CA LYS A 39 13.20 -19.95 1.80
C LYS A 39 11.97 -19.21 2.23
N HIS A 40 12.11 -18.05 2.86
CA HIS A 40 10.96 -17.30 3.32
C HIS A 40 11.28 -15.81 3.31
N ILE A 41 10.84 -15.13 2.26
CA ILE A 41 11.20 -13.72 2.06
C ILE A 41 10.02 -12.82 2.44
N VAL A 42 10.24 -11.78 3.24
CA VAL A 42 9.27 -10.75 3.52
C VAL A 42 9.68 -9.54 2.71
N ILE A 43 8.74 -9.01 1.93
CA ILE A 43 8.99 -7.81 1.13
C ILE A 43 8.08 -6.73 1.65
N ILE A 44 8.64 -5.70 2.24
CA ILE A 44 7.85 -4.60 2.75
C ILE A 44 7.85 -3.52 1.68
N SER A 45 6.68 -3.21 1.14
CA SER A 45 6.50 -2.31 0.00
C SER A 45 5.91 -0.98 0.40
N GLY A 46 6.64 0.10 0.10
CA GLY A 46 6.24 1.43 0.48
C GLY A 46 5.80 2.26 -0.71
N ALA A 47 5.64 3.56 -0.45
CA ALA A 47 4.93 4.42 -1.38
C ALA A 47 5.71 4.58 -2.67
N GLY A 48 7.02 4.40 -2.63
CA GLY A 48 7.80 4.63 -3.83
C GLY A 48 7.48 3.63 -4.92
N VAL A 49 7.04 2.43 -4.53
CA VAL A 49 6.64 1.43 -5.53
C VAL A 49 5.43 1.94 -6.30
N SER A 50 4.46 2.54 -5.60
CA SER A 50 3.31 3.12 -6.29
C SER A 50 3.67 4.37 -7.06
N ALA A 51 4.60 5.16 -6.53
CA ALA A 51 4.95 6.39 -7.21
C ALA A 51 5.61 6.11 -8.54
N GLU A 52 6.34 4.98 -8.64
CA GLU A 52 6.94 4.62 -9.92
C GLU A 52 5.91 4.23 -10.97
N SER A 53 4.66 3.98 -10.58
CA SER A 53 3.60 3.77 -11.54
C SER A 53 2.78 5.03 -11.75
N GLY A 54 3.20 6.14 -11.19
CA GLY A 54 2.49 7.39 -11.40
C GLY A 54 1.21 7.49 -10.58
N VAL A 55 1.13 6.73 -9.49
CA VAL A 55 -0.05 6.79 -8.65
C VAL A 55 0.10 8.00 -7.74
N PRO A 56 -0.88 8.94 -7.71
CA PRO A 56 -0.77 10.07 -6.79
C PRO A 56 -1.04 9.63 -5.35
N THR A 57 -0.27 10.15 -4.38
CA THR A 57 -0.44 9.78 -2.98
C THR A 57 -1.04 10.89 -2.13
N PHE A 58 -1.01 12.12 -2.64
CA PHE A 58 -1.54 13.29 -1.95
C PHE A 58 -0.88 13.49 -0.58
N ARG A 59 0.43 13.22 -0.50
CA ARG A 59 1.15 13.29 0.77
C ARG A 59 2.24 14.36 0.78
N GLY A 60 3.29 14.22 0.02
CA GLY A 60 4.47 15.03 0.28
C GLY A 60 4.36 16.44 -0.25
N ALA A 61 5.51 17.03 -0.52
CA ALA A 61 5.53 18.39 -1.05
C ALA A 61 4.80 18.42 -2.39
N GLY A 62 3.90 19.37 -2.53
CA GLY A 62 3.21 19.55 -3.78
C GLY A 62 2.05 18.62 -4.03
N GLY A 63 1.82 17.64 -3.16
CA GLY A 63 0.85 16.59 -3.46
C GLY A 63 -0.56 16.88 -2.95
N TYR A 64 -1.37 17.55 -3.79
CA TYR A 64 -2.68 18.01 -3.38
C TYR A 64 -3.79 17.53 -4.30
N TRP A 65 -4.97 17.47 -3.70
CA TRP A 65 -6.24 17.28 -4.36
C TRP A 65 -7.07 18.51 -4.01
N ARG A 66 -7.37 19.31 -5.01
CA ARG A 66 -7.96 20.61 -4.78
C ARG A 66 -7.05 21.39 -3.82
N LYS A 67 -7.56 21.79 -2.65
CA LYS A 67 -6.77 22.56 -1.67
C LYS A 67 -6.34 21.71 -0.49
N TRP A 68 -6.46 20.39 -0.62
CA TRP A 68 -6.22 19.50 0.52
C TRP A 68 -5.15 18.45 0.18
N GLN A 69 -4.60 17.87 1.24
CA GLN A 69 -3.76 16.69 1.16
C GLN A 69 -4.42 15.58 1.93
N ALA A 70 -3.82 14.41 1.84
CA ALA A 70 -4.42 13.24 2.46
C ALA A 70 -4.59 13.45 3.97
N GLN A 71 -3.65 14.15 4.60
CA GLN A 71 -3.82 14.30 6.05
C GLN A 71 -5.02 15.17 6.43
N ASP A 72 -5.61 15.89 5.49
CA ASP A 72 -6.81 16.66 5.70
C ASP A 72 -8.09 15.86 5.49
N LEU A 73 -8.05 14.85 4.61
CA LEU A 73 -9.26 14.15 4.15
C LEU A 73 -9.36 12.71 4.63
N ALA A 74 -8.22 12.06 4.85
CA ALA A 74 -8.18 10.66 5.27
C ALA A 74 -8.19 10.60 6.79
N THR A 75 -9.29 11.09 7.37
CA THR A 75 -9.47 11.11 8.82
C THR A 75 -10.93 10.85 9.15
N PRO A 76 -11.20 10.19 10.29
CA PRO A 76 -12.59 9.98 10.74
C PRO A 76 -13.38 11.27 10.89
N LEU A 77 -12.70 12.32 11.36
CA LEU A 77 -13.37 13.60 11.57
C LEU A 77 -13.77 14.22 10.23
N ALA A 78 -12.88 14.15 9.24
CA ALA A 78 -13.27 14.68 7.93
C ALA A 78 -14.46 13.93 7.38
N PHE A 79 -14.43 12.59 7.50
CA PHE A 79 -15.54 11.80 6.97
C PHE A 79 -16.84 12.06 7.73
N ALA A 80 -16.73 12.26 9.04
CA ALA A 80 -17.90 12.57 9.84
C ALA A 80 -18.52 13.88 9.43
N HIS A 81 -17.73 14.90 9.13
CA HIS A 81 -18.30 16.21 8.85
C HIS A 81 -18.67 16.42 7.39
N ASN A 82 -17.95 15.79 6.44
CA ASN A 82 -18.22 15.99 5.02
C ASN A 82 -17.95 14.68 4.30
N PRO A 83 -18.82 13.69 4.49
CA PRO A 83 -18.60 12.40 3.83
C PRO A 83 -18.64 12.51 2.32
N SER A 84 -19.39 13.47 1.77
CA SER A 84 -19.39 13.65 0.32
C SER A 84 -17.98 14.03 -0.17
N ARG A 85 -17.32 14.98 0.51
CA ARG A 85 -16.01 15.43 0.05
C ARG A 85 -15.00 14.29 0.14
N VAL A 86 -15.05 13.50 1.22
CA VAL A 86 -14.11 12.41 1.35
C VAL A 86 -14.40 11.36 0.29
N TRP A 87 -15.68 11.10 0.00
CA TRP A 87 -16.01 10.14 -1.05
C TRP A 87 -15.58 10.66 -2.43
N GLU A 88 -15.72 11.96 -2.68
CA GLU A 88 -15.21 12.51 -3.94
C GLU A 88 -13.72 12.22 -4.13
N PHE A 89 -12.93 12.42 -3.07
CA PHE A 89 -11.49 12.20 -3.07
C PHE A 89 -11.19 10.76 -3.37
N TYR A 90 -11.86 9.84 -2.66
CA TYR A 90 -11.54 8.43 -2.92
C TYR A 90 -12.11 7.92 -4.26
N HIS A 91 -13.21 8.48 -4.74
CA HIS A 91 -13.74 8.17 -6.06
C HIS A 91 -12.73 8.55 -7.14
N TYR A 92 -12.17 9.76 -7.07
CA TYR A 92 -11.11 10.14 -8.00
C TYR A 92 -9.97 9.12 -7.99
N ARG A 93 -9.48 8.75 -6.79
CA ARG A 93 -8.36 7.85 -6.69
C ARG A 93 -8.70 6.48 -7.26
N ARG A 94 -9.94 6.04 -7.12
CA ARG A 94 -10.35 4.78 -7.75
C ARG A 94 -10.29 4.90 -9.25
N GLU A 95 -10.87 5.97 -9.80
CA GLU A 95 -11.03 6.06 -11.23
C GLU A 95 -9.70 6.28 -11.95
N VAL A 96 -8.76 6.99 -11.31
CA VAL A 96 -7.43 7.23 -11.88
C VAL A 96 -6.72 5.92 -12.17
N MET A 97 -7.03 4.88 -11.42
CA MET A 97 -6.30 3.63 -11.58
C MET A 97 -6.54 2.99 -12.94
N GLY A 98 -7.60 3.37 -13.66
CA GLY A 98 -7.80 2.85 -14.99
C GLY A 98 -6.73 3.26 -15.97
N SER A 99 -5.92 4.27 -15.65
CA SER A 99 -4.84 4.71 -16.51
C SER A 99 -3.46 4.31 -15.99
N LYS A 100 -3.40 3.41 -14.99
CA LYS A 100 -2.16 3.09 -14.31
C LYS A 100 -1.90 1.59 -14.44
N GLU A 101 -0.62 1.25 -14.42
CA GLU A 101 -0.19 -0.13 -14.61
C GLU A 101 0.90 -0.45 -13.60
N PRO A 102 1.01 -1.70 -13.19
CA PRO A 102 2.17 -2.12 -12.38
C PRO A 102 3.47 -1.83 -13.12
N ASN A 103 4.52 -1.51 -12.37
CA ASN A 103 5.83 -1.26 -12.94
C ASN A 103 6.73 -2.47 -12.79
N ALA A 104 7.96 -2.35 -13.30
CA ALA A 104 8.85 -3.50 -13.29
C ALA A 104 9.19 -3.96 -11.90
N GLY A 105 9.07 -3.07 -10.90
CA GLY A 105 9.24 -3.51 -9.53
C GLY A 105 8.12 -4.43 -9.08
N HIS A 106 6.87 -4.03 -9.29
CA HIS A 106 5.76 -4.91 -9.00
C HIS A 106 5.93 -6.24 -9.70
N ARG A 107 6.33 -6.20 -10.97
CA ARG A 107 6.42 -7.43 -11.74
C ARG A 107 7.52 -8.34 -11.21
N ALA A 108 8.66 -7.77 -10.83
CA ALA A 108 9.74 -8.61 -10.29
C ALA A 108 9.27 -9.29 -9.01
N ILE A 109 8.54 -8.55 -8.17
CA ILE A 109 8.06 -9.10 -6.91
C ILE A 109 7.06 -10.24 -7.15
N ALA A 110 6.15 -10.07 -8.11
CA ALA A 110 5.16 -11.10 -8.40
C ALA A 110 5.81 -12.31 -9.02
N GLU A 111 6.71 -12.09 -9.98
CA GLU A 111 7.40 -13.19 -10.64
C GLU A 111 8.25 -13.97 -9.65
N CYS A 112 8.83 -13.28 -8.66
CA CYS A 112 9.60 -13.93 -7.61
C CYS A 112 8.73 -14.86 -6.80
N GLU A 113 7.58 -14.37 -6.37
CA GLU A 113 6.62 -15.20 -5.63
C GLU A 113 6.22 -16.44 -6.42
N THR A 114 5.91 -16.26 -7.70
CA THR A 114 5.44 -17.37 -8.53
C THR A 114 6.54 -18.41 -8.66
N ARG A 115 7.75 -17.97 -8.95
CA ARG A 115 8.84 -18.90 -9.22
C ARG A 115 9.25 -19.63 -7.95
N LEU A 116 9.41 -18.88 -6.88
CA LEU A 116 9.77 -19.49 -5.59
C LEU A 116 8.68 -20.42 -5.07
N GLY A 117 7.41 -20.11 -5.32
CA GLY A 117 6.34 -20.98 -4.81
C GLY A 117 6.35 -22.37 -5.42
N LYS A 118 6.78 -22.47 -6.67
CA LYS A 118 6.92 -23.77 -7.33
C LYS A 118 8.11 -24.56 -6.79
N GLN A 119 9.00 -23.91 -6.04
CA GLN A 119 10.16 -24.52 -5.37
C GLN A 119 9.90 -24.79 -3.89
N GLY A 120 8.69 -24.55 -3.42
CA GLY A 120 8.42 -24.65 -2.00
C GLY A 120 8.96 -23.52 -1.15
N ARG A 121 9.12 -22.33 -1.72
CA ARG A 121 9.71 -21.23 -1.01
C ARG A 121 8.68 -20.09 -0.93
N ARG A 122 8.62 -19.41 0.20
CA ARG A 122 7.56 -18.46 0.50
C ARG A 122 8.02 -17.03 0.27
N VAL A 123 7.15 -16.23 -0.36
CA VAL A 123 7.34 -14.79 -0.52
C VAL A 123 6.06 -14.11 -0.08
N VAL A 124 6.15 -13.16 0.84
CA VAL A 124 5.00 -12.40 1.26
C VAL A 124 5.29 -10.92 1.07
N VAL A 125 4.31 -10.18 0.61
CA VAL A 125 4.41 -8.74 0.38
C VAL A 125 3.55 -8.07 1.42
N ILE A 126 4.16 -7.22 2.24
CA ILE A 126 3.47 -6.40 3.22
C ILE A 126 3.53 -4.99 2.69
N THR A 127 2.39 -4.46 2.27
CA THR A 127 2.40 -3.16 1.60
C THR A 127 1.51 -2.15 2.34
N GLN A 128 1.94 -0.90 2.35
CA GLN A 128 1.14 0.21 2.81
C GLN A 128 0.31 0.83 1.67
N ASN A 129 0.56 0.35 0.45
CA ASN A 129 -0.08 0.94 -0.72
C ASN A 129 -1.48 0.41 -0.81
N ILE A 130 -2.42 1.26 -1.25
CA ILE A 130 -3.84 0.91 -1.28
C ILE A 130 -4.39 0.76 -2.70
N ASP A 131 -3.54 0.78 -3.71
CA ASP A 131 -4.01 0.88 -5.08
C ASP A 131 -4.10 -0.46 -5.80
N GLU A 132 -3.75 -1.55 -5.12
CA GLU A 132 -3.82 -2.95 -5.57
C GLU A 132 -2.92 -3.26 -6.75
N LEU A 133 -1.95 -2.42 -7.12
CA LEU A 133 -1.10 -2.79 -8.25
C LEU A 133 -0.29 -4.04 -8.01
N HIS A 134 0.09 -4.36 -6.75
CA HIS A 134 0.70 -5.66 -6.52
C HIS A 134 -0.22 -6.79 -6.96
N ARG A 135 -1.52 -6.68 -6.67
CA ARG A 135 -2.47 -7.73 -7.07
C ARG A 135 -2.58 -7.78 -8.57
N LYS A 136 -2.69 -6.63 -9.20
CA LYS A 136 -2.78 -6.56 -10.64
C LYS A 136 -1.58 -7.22 -11.32
N ALA A 137 -0.39 -7.14 -10.72
CA ALA A 137 0.82 -7.74 -11.24
C ALA A 137 0.92 -9.26 -11.03
N GLY A 138 0.07 -9.83 -10.19
CA GLY A 138 0.00 -11.26 -9.95
C GLY A 138 0.38 -11.69 -8.56
N THR A 139 0.73 -10.77 -7.66
CA THR A 139 0.98 -11.13 -6.28
C THR A 139 -0.28 -11.71 -5.63
N LYS A 140 -0.12 -12.89 -4.99
CA LYS A 140 -1.19 -13.51 -4.24
C LYS A 140 -1.03 -13.39 -2.73
N ASN A 141 0.21 -13.49 -2.21
CA ASN A 141 0.48 -13.45 -0.77
C ASN A 141 0.75 -12.03 -0.36
N LEU A 142 -0.33 -11.30 -0.12
CA LEU A 142 -0.31 -9.85 0.03
C LEU A 142 -1.00 -9.46 1.32
N LEU A 143 -0.31 -8.68 2.15
CA LEU A 143 -0.89 -8.08 3.32
C LEU A 143 -0.96 -6.57 3.09
N GLU A 144 -2.17 -6.06 2.94
CA GLU A 144 -2.47 -4.67 2.66
C GLU A 144 -2.76 -4.02 4.01
N ILE A 145 -1.71 -3.53 4.67
CA ILE A 145 -1.88 -3.04 6.04
C ILE A 145 -2.68 -1.75 6.12
N HIS A 146 -2.84 -1.00 5.01
CA HIS A 146 -3.70 0.16 5.02
C HIS A 146 -5.02 -0.05 4.29
N GLY A 147 -5.36 -1.28 3.95
CA GLY A 147 -6.59 -1.51 3.25
C GLY A 147 -6.42 -1.28 1.76
N SER A 148 -7.55 -1.00 1.12
CA SER A 148 -7.62 -0.92 -0.35
C SER A 148 -8.67 0.10 -0.80
N LEU A 149 -8.33 0.85 -1.87
CA LEU A 149 -9.27 1.68 -2.61
C LEU A 149 -10.45 0.91 -3.14
N PHE A 150 -10.27 -0.39 -3.37
CA PHE A 150 -11.28 -1.22 -3.97
C PHE A 150 -11.94 -2.16 -2.99
N LYS A 151 -12.03 -1.72 -1.76
CA LYS A 151 -12.86 -2.36 -0.74
C LYS A 151 -13.63 -1.29 0.01
N THR A 152 -14.85 -1.64 0.40
CA THR A 152 -15.69 -0.79 1.23
C THR A 152 -15.89 -1.46 2.58
N ARG A 153 -16.20 -0.62 3.56
CA ARG A 153 -16.56 -1.08 4.88
C ARG A 153 -17.83 -0.37 5.31
N CYS A 154 -18.81 -1.13 5.81
CA CYS A 154 -20.06 -0.50 6.20
C CYS A 154 -19.92 0.11 7.58
N THR A 155 -20.30 1.38 7.71
CA THR A 155 -20.11 2.04 9.01
C THR A 155 -21.17 1.62 10.02
N SER A 156 -22.20 0.90 9.59
CA SER A 156 -23.22 0.35 10.49
C SER A 156 -22.93 -1.10 10.87
N CYS A 157 -22.80 -2.00 9.89
CA CYS A 157 -22.68 -3.43 10.19
C CYS A 157 -21.26 -3.97 10.09
N GLY A 158 -20.30 -3.18 9.58
CA GLY A 158 -18.92 -3.58 9.56
C GLY A 158 -18.50 -4.50 8.44
N VAL A 159 -19.40 -4.86 7.54
CA VAL A 159 -19.05 -5.82 6.49
C VAL A 159 -18.06 -5.17 5.53
N VAL A 160 -17.04 -5.92 5.18
CA VAL A 160 -16.06 -5.50 4.19
C VAL A 160 -16.36 -6.20 2.87
N ALA A 161 -16.38 -5.42 1.78
CA ALA A 161 -16.69 -5.96 0.47
C ALA A 161 -15.73 -5.45 -0.60
N GLU A 162 -15.41 -6.30 -1.59
CA GLU A 162 -14.72 -5.84 -2.80
C GLU A 162 -15.65 -4.94 -3.61
N ASN A 163 -15.10 -3.90 -4.25
CA ASN A 163 -15.93 -2.99 -5.04
C ASN A 163 -15.05 -2.33 -6.10
N TYR A 164 -15.22 -2.75 -7.35
CA TYR A 164 -14.49 -2.22 -8.49
C TYR A 164 -15.41 -1.47 -9.44
N LYS A 165 -16.61 -1.14 -8.98
CA LYS A 165 -17.59 -0.52 -9.87
C LYS A 165 -17.16 0.90 -10.24
N SER A 166 -17.31 1.23 -11.53
CA SER A 166 -17.03 2.54 -12.08
C SER A 166 -18.31 3.18 -12.62
N PRO A 167 -18.87 4.13 -11.90
CA PRO A 167 -18.52 4.70 -10.61
C PRO A 167 -19.07 3.89 -9.47
N ILE A 168 -18.57 4.11 -8.26
CA ILE A 168 -19.05 3.34 -7.12
C ILE A 168 -20.53 3.59 -6.85
N CYS A 169 -21.04 4.79 -7.10
CA CYS A 169 -22.48 5.03 -7.08
C CYS A 169 -22.80 6.10 -8.12
N PRO A 170 -24.05 6.16 -8.61
CA PRO A 170 -24.32 7.10 -9.71
C PRO A 170 -24.08 8.54 -9.37
N ALA A 171 -24.27 8.94 -8.11
CA ALA A 171 -24.13 10.35 -7.78
C ALA A 171 -22.68 10.82 -7.91
N LEU A 172 -21.72 9.92 -7.82
CA LEU A 172 -20.30 10.28 -7.94
C LEU A 172 -19.79 10.27 -9.39
N SER A 173 -20.63 9.93 -10.36
CA SER A 173 -20.17 9.98 -11.75
C SER A 173 -19.80 11.40 -12.14
N GLY A 174 -18.57 11.57 -12.63
CA GLY A 174 -18.08 12.88 -13.04
C GLY A 174 -17.60 13.72 -11.90
N LYS A 175 -17.65 13.20 -10.66
CA LYS A 175 -17.27 13.97 -9.49
C LYS A 175 -15.84 13.62 -9.12
N GLY A 176 -15.30 14.31 -8.12
CA GLY A 176 -13.94 14.11 -7.69
C GLY A 176 -12.86 14.75 -8.53
N ALA A 177 -13.21 15.67 -9.42
CA ALA A 177 -12.20 16.31 -10.22
C ALA A 177 -11.19 16.98 -9.29
N PRO A 178 -9.89 16.92 -9.62
CA PRO A 178 -8.85 17.32 -8.67
C PRO A 178 -8.46 18.79 -8.75
N GLU A 179 -8.97 19.52 -9.69
CA GLU A 179 -8.40 20.84 -9.95
C GLU A 179 -8.79 21.82 -8.86
N PRO A 180 -7.86 22.63 -8.36
CA PRO A 180 -8.26 23.72 -7.47
C PRO A 180 -9.37 24.54 -8.09
N GLY A 181 -10.31 24.96 -7.24
CA GLY A 181 -11.47 25.69 -7.68
C GLY A 181 -12.70 24.84 -7.91
N THR A 182 -12.52 23.52 -8.04
CA THR A 182 -13.67 22.65 -8.18
C THR A 182 -14.54 22.69 -6.92
N GLN A 183 -15.83 22.87 -7.10
CA GLN A 183 -16.73 22.97 -5.98
C GLN A 183 -17.10 21.59 -5.44
N ASP A 184 -17.40 21.53 -4.12
CA ASP A 184 -17.94 20.32 -3.53
C ASP A 184 -19.15 19.85 -4.31
N ALA A 185 -19.24 18.53 -4.50
CA ALA A 185 -20.45 17.97 -5.05
C ALA A 185 -21.61 18.00 -4.04
N SER A 186 -21.31 17.95 -2.74
CA SER A 186 -22.33 18.01 -1.70
C SER A 186 -23.46 17.03 -1.98
N ILE A 187 -23.08 15.77 -2.18
CA ILE A 187 -24.04 14.69 -2.40
C ILE A 187 -24.73 14.38 -1.07
N PRO A 188 -26.06 14.33 -1.03
CA PRO A 188 -26.74 13.92 0.18
C PRO A 188 -26.30 12.52 0.58
N VAL A 189 -26.16 12.32 1.89
CA VAL A 189 -25.57 11.09 2.42
C VAL A 189 -26.35 9.85 1.95
N GLU A 190 -27.66 9.96 1.73
CA GLU A 190 -28.44 8.85 1.23
C GLU A 190 -28.06 8.42 -0.18
N LYS A 191 -27.39 9.28 -0.95
CA LYS A 191 -27.00 8.98 -2.32
C LYS A 191 -25.53 8.64 -2.42
N LEU A 192 -24.79 8.67 -1.33
CA LEU A 192 -23.43 8.16 -1.30
C LEU A 192 -23.45 6.63 -1.24
N PRO A 193 -22.29 5.96 -1.38
CA PRO A 193 -22.34 4.49 -1.49
C PRO A 193 -22.97 3.87 -0.23
N ARG A 194 -23.90 2.93 -0.44
CA ARG A 194 -24.65 2.34 0.66
C ARG A 194 -24.46 0.83 0.69
N CYS A 195 -24.54 0.27 1.89
CA CYS A 195 -24.37 -1.17 2.10
C CYS A 195 -25.51 -1.95 1.45
N GLU A 196 -25.20 -3.01 0.72
CA GLU A 196 -26.22 -3.80 0.06
C GLU A 196 -26.49 -5.13 0.76
N GLU A 197 -25.97 -5.32 1.97
CA GLU A 197 -26.39 -6.47 2.76
C GLU A 197 -27.88 -6.34 3.06
N ALA A 198 -28.61 -7.44 2.93
CA ALA A 198 -30.04 -7.42 3.21
C ALA A 198 -30.33 -6.84 4.59
N GLY A 199 -31.21 -5.84 4.64
CA GLY A 199 -31.58 -5.26 5.90
C GLY A 199 -30.57 -4.34 6.54
N CYS A 200 -29.54 -3.87 5.81
CA CYS A 200 -28.64 -2.88 6.39
C CYS A 200 -28.81 -1.51 5.74
N GLY A 201 -28.23 -1.27 4.56
CA GLY A 201 -28.37 0.04 3.90
C GLY A 201 -27.57 1.18 4.51
N GLY A 202 -26.65 0.88 5.42
CA GLY A 202 -25.85 1.90 6.05
C GLY A 202 -24.95 2.59 5.03
N LEU A 203 -24.33 3.64 5.52
CA LEU A 203 -23.34 4.39 4.75
C LEU A 203 -22.00 3.65 4.73
N LEU A 204 -21.45 3.46 3.53
CA LEU A 204 -20.13 2.84 3.39
C LEU A 204 -19.05 3.89 3.55
N ARG A 205 -17.89 3.44 4.03
CA ARG A 205 -16.66 4.21 3.91
C ARG A 205 -15.68 3.39 3.09
N PRO A 206 -14.64 4.03 2.58
CA PRO A 206 -13.52 3.26 2.00
C PRO A 206 -12.90 2.40 3.09
N HIS A 207 -12.55 1.17 2.73
CA HIS A 207 -11.88 0.28 3.67
C HIS A 207 -10.38 0.53 3.60
N VAL A 208 -10.00 1.74 4.06
CA VAL A 208 -8.60 2.14 4.16
C VAL A 208 -8.40 2.73 5.54
N VAL A 209 -7.18 2.56 6.04
CA VAL A 209 -6.82 3.06 7.35
C VAL A 209 -6.64 4.57 7.24
N TRP A 210 -7.26 5.30 8.14
CA TRP A 210 -7.16 6.76 8.17
C TRP A 210 -6.09 7.23 9.17
N PHE A 211 -5.61 8.47 8.97
CA PHE A 211 -4.74 9.04 9.97
C PHE A 211 -5.46 8.98 11.30
N GLY A 212 -4.70 8.70 12.37
CA GLY A 212 -5.32 8.56 13.65
C GLY A 212 -5.98 7.24 13.94
N GLU A 213 -5.87 6.25 13.06
CA GLU A 213 -6.54 4.97 13.26
C GLU A 213 -5.53 3.87 13.51
N ASN A 214 -6.07 2.85 14.18
CA ASN A 214 -5.45 1.56 14.43
C ASN A 214 -5.34 0.75 13.13
N LEU A 215 -4.23 0.02 12.97
CA LEU A 215 -4.14 -1.07 11.98
C LEU A 215 -4.83 -2.30 12.51
N ASP A 216 -5.51 -3.05 11.60
CA ASP A 216 -6.24 -4.27 11.95
C ASP A 216 -5.37 -5.23 12.77
N PRO A 217 -5.70 -5.52 14.03
CA PRO A 217 -4.83 -6.41 14.84
C PRO A 217 -4.59 -7.78 14.20
N ALA A 218 -5.58 -8.29 13.48
CA ALA A 218 -5.41 -9.56 12.75
C ALA A 218 -4.40 -9.44 11.62
N ILE A 219 -4.46 -8.36 10.83
CA ILE A 219 -3.34 -7.99 9.96
C ILE A 219 -2.02 -7.97 10.74
N LEU A 220 -1.98 -7.30 11.88
CA LEU A 220 -0.68 -7.26 12.58
C LEU A 220 -0.30 -8.63 13.17
N GLU A 221 -1.30 -9.43 13.55
CA GLU A 221 -1.03 -10.83 13.90
C GLU A 221 -0.35 -11.57 12.77
N GLU A 222 -0.86 -11.40 11.54
CA GLU A 222 -0.25 -12.11 10.40
C GLU A 222 1.14 -11.55 10.07
N VAL A 223 1.29 -10.23 10.13
CA VAL A 223 2.59 -9.61 9.91
C VAL A 223 3.63 -10.13 10.92
N ASP A 224 3.29 -10.14 12.21
CA ASP A 224 4.23 -10.66 13.21
C ASP A 224 4.65 -12.10 12.92
N ARG A 225 3.70 -12.96 12.53
CA ARG A 225 4.07 -14.33 12.17
C ARG A 225 5.08 -14.35 11.02
N GLU A 226 4.91 -13.48 10.01
CA GLU A 226 5.81 -13.52 8.87
C GLU A 226 7.19 -13.01 9.27
N LEU A 227 7.23 -11.96 10.07
CA LEU A 227 8.49 -11.41 10.54
C LEU A 227 9.22 -12.43 11.40
N ALA A 228 8.48 -13.20 12.20
CA ALA A 228 9.13 -14.16 13.10
C ALA A 228 9.80 -15.31 12.36
N HIS A 229 9.33 -15.63 11.16
CA HIS A 229 9.75 -16.83 10.48
C HIS A 229 10.62 -16.56 9.27
N CYS A 230 10.67 -15.33 8.78
CA CYS A 230 11.37 -15.08 7.52
C CYS A 230 12.87 -15.21 7.70
N ASP A 231 13.55 -15.53 6.60
CA ASP A 231 15.00 -15.61 6.62
C ASP A 231 15.65 -14.57 5.71
N LEU A 232 14.85 -13.68 5.12
CA LEU A 232 15.35 -12.56 4.34
C LEU A 232 14.25 -11.52 4.30
N CYS A 233 14.63 -10.25 4.47
CA CYS A 233 13.67 -9.15 4.47
C CYS A 233 14.12 -8.06 3.51
N LEU A 234 13.20 -7.66 2.61
CA LEU A 234 13.42 -6.55 1.69
C LEU A 234 12.53 -5.39 2.10
N VAL A 235 13.09 -4.19 2.04
CA VAL A 235 12.36 -2.97 2.24
C VAL A 235 12.48 -2.20 0.93
N VAL A 236 11.35 -1.94 0.27
CA VAL A 236 11.34 -1.44 -1.11
C VAL A 236 10.48 -0.19 -1.20
N GLY A 237 11.01 0.87 -1.79
CA GLY A 237 10.23 2.04 -2.03
C GLY A 237 9.98 2.89 -0.79
N THR A 238 10.79 2.70 0.24
CA THR A 238 10.63 3.39 1.51
C THR A 238 11.89 3.15 2.34
N SER A 239 11.93 3.85 3.48
CA SER A 239 13.18 4.20 4.15
C SER A 239 13.66 3.29 5.27
N SER A 240 12.83 2.44 5.86
CA SER A 240 13.31 1.48 6.87
C SER A 240 13.47 2.11 8.26
N VAL A 241 13.81 3.39 8.28
CA VAL A 241 13.92 4.16 9.51
C VAL A 241 12.65 4.96 9.80
N VAL A 242 11.61 4.80 8.96
CA VAL A 242 10.36 5.51 9.07
C VAL A 242 9.27 4.46 9.04
N TYR A 243 8.08 4.87 9.45
CA TYR A 243 6.88 4.06 9.37
C TYR A 243 6.57 3.84 7.91
N PRO A 244 6.14 2.61 7.53
CA PRO A 244 5.88 1.41 8.32
C PRO A 244 7.07 0.50 8.56
N ALA A 245 8.12 0.57 7.74
CA ALA A 245 9.18 -0.42 7.85
C ALA A 245 9.89 -0.36 9.19
N ALA A 246 9.94 0.81 9.83
CA ALA A 246 10.58 0.89 11.14
C ALA A 246 9.83 0.08 12.20
N MET A 247 8.58 -0.33 11.94
CA MET A 247 7.86 -1.16 12.91
C MET A 247 8.18 -2.63 12.73
N PHE A 248 8.78 -2.98 11.60
CA PHE A 248 8.89 -4.37 11.16
C PHE A 248 10.33 -4.85 11.04
N ALA A 249 11.21 -4.02 10.44
CA ALA A 249 12.57 -4.46 10.10
C ALA A 249 13.48 -4.60 11.31
N PRO A 250 13.43 -3.71 12.30
CA PRO A 250 14.38 -3.85 13.43
C PRO A 250 14.39 -5.23 14.04
N GLN A 251 13.24 -5.82 14.32
CA GLN A 251 13.29 -7.08 15.02
C GLN A 251 13.74 -8.22 14.11
N VAL A 252 13.55 -8.08 12.80
CA VAL A 252 14.10 -9.05 11.88
C VAL A 252 15.62 -8.97 11.92
N ALA A 253 16.16 -7.76 11.75
CA ALA A 253 17.61 -7.60 11.78
C ALA A 253 18.17 -8.05 13.13
N ALA A 254 17.44 -7.81 14.21
CA ALA A 254 17.95 -8.18 15.52
C ALA A 254 18.09 -9.70 15.66
N ARG A 255 17.25 -10.46 14.95
CA ARG A 255 17.35 -11.91 14.88
C ARG A 255 18.52 -12.38 14.05
N GLY A 256 19.24 -11.47 13.42
CA GLY A 256 20.31 -11.83 12.52
C GLY A 256 19.89 -12.06 11.08
N VAL A 257 18.66 -11.71 10.73
CA VAL A 257 18.19 -11.89 9.36
C VAL A 257 18.67 -10.71 8.52
N PRO A 258 19.21 -10.95 7.33
CA PRO A 258 19.63 -9.82 6.49
C PRO A 258 18.43 -8.97 6.07
N VAL A 259 18.62 -7.66 6.10
CA VAL A 259 17.65 -6.69 5.62
C VAL A 259 18.28 -5.91 4.47
N ALA A 260 17.58 -5.89 3.34
CA ALA A 260 18.06 -5.21 2.14
C ALA A 260 17.06 -4.14 1.74
N GLU A 261 17.54 -2.90 1.64
CA GLU A 261 16.73 -1.77 1.32
C GLU A 261 16.96 -1.36 -0.14
N PHE A 262 15.86 -1.16 -0.86
CA PHE A 262 15.84 -0.74 -2.28
C PHE A 262 15.06 0.57 -2.34
N ASN A 263 15.72 1.72 -2.46
CA ASN A 263 15.01 2.99 -2.43
C ASN A 263 15.89 4.05 -3.09
N THR A 264 15.35 5.27 -3.24
CA THR A 264 16.01 6.29 -4.05
C THR A 264 16.83 7.28 -3.25
N GLU A 265 16.64 7.35 -1.94
CA GLU A 265 17.25 8.43 -1.16
C GLU A 265 18.62 7.99 -0.69
N THR A 266 19.66 8.71 -1.15
CA THR A 266 21.05 8.36 -0.84
C THR A 266 21.25 8.18 0.66
N THR A 267 21.51 6.94 1.06
CA THR A 267 21.71 6.56 2.47
C THR A 267 22.50 7.65 3.23
N PRO A 268 21.85 8.42 4.14
CA PRO A 268 20.47 8.50 4.69
C PRO A 268 19.31 8.08 3.74
N ALA A 269 18.55 7.03 4.07
CA ALA A 269 18.52 6.38 5.38
C ALA A 269 19.82 5.67 5.79
N THR A 270 20.29 6.03 7.00
CA THR A 270 21.39 5.32 7.63
C THR A 270 20.90 3.97 8.12
N ASN A 271 21.74 2.95 7.98
CA ASN A 271 21.25 1.57 8.10
C ASN A 271 22.19 0.72 8.92
N ARG A 272 21.65 0.19 10.03
CA ARG A 272 22.18 -0.99 10.69
C ARG A 272 21.64 -2.24 10.01
N PHE A 273 21.46 -2.17 8.70
CA PHE A 273 20.92 -3.26 7.91
C PHE A 273 21.96 -3.65 6.86
N ARG A 274 21.72 -4.78 6.21
CA ARG A 274 22.81 -5.45 5.52
C ARG A 274 23.12 -4.77 4.19
N PHE A 275 22.10 -4.41 3.42
CA PHE A 275 22.27 -3.95 2.05
C PHE A 275 21.48 -2.68 1.80
N HIS A 276 22.01 -1.81 0.93
CA HIS A 276 21.24 -0.69 0.43
C HIS A 276 21.53 -0.49 -1.05
N PHE A 277 20.49 -0.57 -1.87
CA PHE A 277 20.61 -0.37 -3.30
C PHE A 277 19.82 0.87 -3.68
N GLN A 278 20.51 1.82 -4.27
CA GLN A 278 19.95 3.10 -4.61
C GLN A 278 19.35 3.06 -6.01
N GLY A 279 18.17 3.66 -6.16
CA GLY A 279 17.57 3.81 -7.46
C GLY A 279 16.12 3.43 -7.46
N PRO A 280 15.46 3.70 -8.57
CA PRO A 280 14.07 3.22 -8.73
C PRO A 280 14.03 1.72 -8.55
N CYS A 281 13.01 1.24 -7.82
CA CYS A 281 12.95 -0.21 -7.62
C CYS A 281 12.64 -0.95 -8.92
N GLY A 282 12.03 -0.29 -9.91
CA GLY A 282 11.86 -0.97 -11.16
C GLY A 282 13.15 -1.19 -11.92
N THR A 283 14.24 -0.54 -11.49
CA THR A 283 15.56 -0.74 -12.08
C THR A 283 16.33 -1.81 -11.32
N THR A 284 16.30 -1.78 -9.99
CA THR A 284 17.13 -2.69 -9.21
C THR A 284 16.49 -4.03 -8.91
N LEU A 285 15.16 -4.08 -8.66
CA LEU A 285 14.55 -5.37 -8.33
C LEU A 285 14.54 -6.40 -9.45
N PRO A 286 14.38 -6.04 -10.71
CA PRO A 286 14.36 -7.11 -11.71
C PRO A 286 15.66 -7.90 -11.66
N GLU A 287 16.77 -7.21 -11.47
CA GLU A 287 18.04 -7.90 -11.34
C GLU A 287 18.17 -8.62 -10.00
N ALA A 288 17.82 -7.95 -8.90
CA ALA A 288 18.00 -8.57 -7.59
C ALA A 288 17.19 -9.84 -7.45
N LEU A 289 15.97 -9.85 -7.97
CA LEU A 289 15.04 -10.94 -7.77
C LEU A 289 14.97 -11.89 -8.93
N ALA A 290 15.87 -11.78 -9.90
CA ALA A 290 15.84 -12.70 -11.05
C ALA A 290 16.00 -14.16 -10.62
N LEU B 1 -1.45 -0.69 15.07
CA LEU B 1 -0.44 0.37 15.02
C LEU B 1 -0.77 1.20 13.82
N GLY B 2 -0.66 2.49 13.87
CA GLY B 2 -1.57 3.27 13.07
C GLY B 2 -0.99 4.48 12.44
C SLL B 3 -1.51 8.05 12.31
N SLL B 3 -1.73 5.57 12.55
O SLL B 3 -2.20 8.21 13.30
CA SLL B 3 -1.45 6.63 11.66
CB SLL B 3 -2.51 6.23 10.62
CD SLL B 3 -2.90 5.36 8.30
CE SLL B 3 -2.63 6.33 7.12
CG SLL B 3 -2.00 5.27 9.54
CK SLL B 3 -3.60 6.13 3.48
CL SLL B 3 -5.01 5.86 2.99
CP SLL B 3 -5.13 6.95 1.86
CX SLL B 3 -2.92 6.25 4.63
OX SLL B 3 -1.73 6.45 4.36
NZ SLL B 3 -3.41 6.19 5.84
OP1 SLL B 3 -4.27 6.79 0.92
OP2 SLL B 3 -5.99 7.85 1.92
H SLL B 3 -2.54 5.40 12.87
HA SLL B 3 -0.56 6.47 11.31
HB SLL B 3 -3.28 5.82 11.05
HBA SLL B 3 -2.91 7.03 10.21
HD SLL B 3 -2.95 4.48 7.90
HDA SLL B 3 -3.79 5.57 8.62
HE SLL B 3 -2.80 7.23 7.43
HEA SLL B 3 -1.69 6.27 6.87
HG SLL B 3 -1.87 4.36 9.83
HGA SLL B 3 -1.11 5.58 9.30
HK SLL B 3 -3.80 7.08 3.50
HKA SLL B 3 -2.95 6.26 2.76
HL SLL B 3 -5.68 6.02 3.68
HLA SLL B 3 -5.14 4.98 2.61
HNZ SLL B 3 -4.24 6.05 5.73
ZN ZN C . -24.05 -2.74 6.32
N MCM D . -0.78 9.03 11.75
CA MCM D . 0.07 8.74 10.72
C2 MCM D . 1.46 8.82 10.71
C3 MCM D . 2.14 8.46 9.54
C4 MCM D . 4.14 8.19 8.39
C5 MCM D . 3.42 7.72 7.19
C6 MCM D . 2.08 7.64 7.20
C7 MCM D . 1.44 8.02 8.42
C8 MCM D . 0.08 7.94 8.45
C9 MCM D . -0.56 8.30 9.58
C10 MCM D . 1.22 7.17 6.05
O1 MCM D . 3.55 8.55 9.53
O2 MCM D . 5.35 8.20 8.16
HN1 MCM D . -0.85 10.04 12.12
H2 MCM D . 1.93 9.12 11.46
H5 MCM D . 3.92 7.59 6.42
H8 MCM D . -0.45 7.66 7.74
H9 MCM D . -1.49 8.23 9.56
H101 MCM D . 0.65 7.86 5.70
H102 MCM D . 1.81 6.84 5.36
H103 MCM D . 0.71 6.37 6.27
#